data_4O82
#
_entry.id   4O82
#
_cell.length_a   94.980
_cell.length_b   94.980
_cell.length_c   147.701
_cell.angle_alpha   90.000
_cell.angle_beta   90.000
_cell.angle_gamma   120.000
#
_symmetry.space_group_name_H-M   'H 3'
#
loop_
_entity.id
_entity.type
_entity.pdbx_description
1 polymer 'Phosphoribosylaminoimidazole-succinocarboxamide synthase'
2 non-polymer 'CADMIUM ION'
3 non-polymer 'ADENOSINE MONOPHOSPHATE'
4 non-polymer "ADENOSINE-5'-DIPHOSPHATE"
5 water water
#
_entity_poly.entity_id   1
_entity_poly.type   'polypeptide(L)'
_entity_poly.pdbx_seq_one_letter_code
;(MSE)VKL(MSE)EVYEGKAKK(MSE)IPIDDDKLI(MSE)EFKDDATAFDGTKKARFKGKGWLNAQLSVIFFKLLEEHG
IKTHFIGVAGGNRLIVEKLD(MSE)YPLEVVVRNVVAGSLKKRLPLPEGYELPEPIVELYYKNDELHDP(MSE)INYYHA
KVLGISLDEIKKIEEIALKVNEILKDYLAKKGIILVDFKLEFGKDKNGDIVLADEISPDTCRFWDAKTKRSLDKDVFRFD
KGDLIEAYKEIYERITGEKPEF
;
_entity_poly.pdbx_strand_id   A,B
#
loop_
_chem_comp.id
_chem_comp.type
_chem_comp.name
_chem_comp.formula
ADP non-polymer ADENOSINE-5'-DIPHOSPHATE 'C10 H15 N5 O10 P2'
AMP non-polymer 'ADENOSINE MONOPHOSPHATE' 'C10 H14 N5 O7 P'
CD non-polymer 'CADMIUM ION' 'Cd 2'
#
# COMPACT_ATOMS: atom_id res chain seq x y z
N ALA A 12 1.08 7.58 -30.00
CA ALA A 12 -0.36 7.26 -29.86
C ALA A 12 -1.18 8.41 -29.25
N LYS A 13 -0.56 9.58 -29.11
CA LYS A 13 -1.23 10.79 -28.64
C LYS A 13 -0.97 12.00 -29.54
N LYS A 14 -1.97 12.87 -29.60
CA LYS A 14 -1.84 14.15 -30.28
C LYS A 14 -1.98 15.24 -29.20
N MSE A 15 -0.96 16.08 -29.08
CA MSE A 15 -0.96 17.17 -28.10
C MSE A 15 -1.33 18.44 -28.79
O MSE A 15 -0.61 18.91 -29.68
CB MSE A 15 0.38 17.37 -27.40
CG MSE A 15 0.95 16.10 -26.76
SE MSE A 15 -0.28 15.43 -25.39
CE MSE A 15 0.17 16.58 -23.87
N ILE A 16 -2.46 19.02 -28.40
CA ILE A 16 -2.98 20.21 -29.07
C ILE A 16 -2.99 21.44 -28.14
N PRO A 17 -2.12 22.42 -28.43
CA PRO A 17 -2.03 23.60 -27.58
C PRO A 17 -3.32 24.42 -27.58
N ILE A 18 -3.81 24.75 -26.40
CA ILE A 18 -4.91 25.70 -26.27
C ILE A 18 -4.29 27.10 -26.16
N ASP A 19 -3.44 27.28 -25.17
CA ASP A 19 -2.68 28.52 -25.00
C ASP A 19 -1.38 28.23 -24.25
N ASP A 20 -0.84 29.24 -23.57
CA ASP A 20 0.41 29.10 -22.81
C ASP A 20 0.35 28.23 -21.57
N ASP A 21 -0.84 27.97 -21.03
CA ASP A 21 -0.94 27.20 -19.79
C ASP A 21 -1.71 25.88 -19.90
N LYS A 22 -2.39 25.65 -21.01
CA LYS A 22 -3.12 24.40 -21.19
C LYS A 22 -3.13 23.82 -22.59
N LEU A 23 -3.47 22.53 -22.66
CA LEU A 23 -3.50 21.84 -23.93
C LEU A 23 -4.43 20.64 -23.92
N ILE A 24 -4.76 20.18 -25.12
CA ILE A 24 -5.58 19.02 -25.27
C ILE A 24 -4.71 17.81 -25.60
N MSE A 25 -4.82 16.75 -24.79
CA MSE A 25 -4.15 15.50 -25.05
C MSE A 25 -5.16 14.57 -25.68
O MSE A 25 -6.12 14.15 -25.04
CB MSE A 25 -3.66 14.98 -23.70
CG MSE A 25 -3.04 13.58 -23.74
SE MSE A 25 -1.96 13.37 -22.11
CE MSE A 25 -3.38 13.06 -20.78
N GLU A 26 -4.94 14.24 -26.94
CA GLU A 26 -5.86 13.36 -27.62
C GLU A 26 -5.27 11.96 -27.80
N PHE A 27 -5.99 10.95 -27.33
CA PHE A 27 -5.53 9.58 -27.49
C PHE A 27 -5.97 8.98 -28.82
N LYS A 28 -5.01 8.38 -29.54
CA LYS A 28 -5.29 7.80 -30.84
C LYS A 28 -5.53 6.30 -30.70
N ASP A 29 -6.08 5.68 -31.74
CA ASP A 29 -6.24 4.23 -31.79
C ASP A 29 -5.00 3.52 -32.38
N ASP A 30 -3.95 4.27 -32.71
CA ASP A 30 -2.71 3.66 -33.19
C ASP A 30 -1.93 2.96 -32.07
N ALA A 31 -1.44 1.76 -32.38
CA ALA A 31 -0.56 0.99 -31.52
C ALA A 31 0.76 0.86 -32.26
N THR A 32 1.83 1.24 -31.58
CA THR A 32 3.15 1.27 -32.14
C THR A 32 4.11 0.64 -31.15
N ALA A 33 5.01 -0.21 -31.65
CA ALA A 33 6.09 -0.80 -30.85
C ALA A 33 7.37 -1.04 -31.68
N PHE A 34 8.44 -1.41 -30.98
CA PHE A 34 9.77 -1.65 -31.55
C PHE A 34 10.21 -0.56 -32.52
N ASP A 35 10.11 0.69 -32.05
CA ASP A 35 10.50 1.88 -32.82
C ASP A 35 9.71 2.11 -34.11
N GLY A 36 8.43 1.73 -34.08
CA GLY A 36 7.56 1.92 -35.22
C GLY A 36 7.72 0.88 -36.31
N THR A 37 8.54 -0.14 -36.05
CA THR A 37 8.68 -1.26 -36.99
C THR A 37 7.50 -2.22 -36.85
N LYS A 38 6.73 -2.07 -35.79
CA LYS A 38 5.51 -2.84 -35.56
C LYS A 38 4.33 -1.90 -35.28
N LYS A 39 3.43 -1.79 -36.24
CA LYS A 39 2.32 -0.85 -36.09
C LYS A 39 0.97 -1.52 -36.33
N ALA A 40 -0.06 -0.97 -35.69
CA ALA A 40 -1.44 -1.44 -35.87
C ALA A 40 -2.40 -0.34 -35.40
N ARG A 41 -3.69 -0.54 -35.66
CA ARG A 41 -4.75 0.33 -35.14
C ARG A 41 -5.81 -0.54 -34.46
N PHE A 42 -6.23 -0.12 -33.26
CA PHE A 42 -7.21 -0.87 -32.48
C PHE A 42 -8.38 0.04 -32.13
N LYS A 43 -9.51 -0.16 -32.81
CA LYS A 43 -10.67 0.69 -32.60
C LYS A 43 -11.05 0.61 -31.13
N GLY A 44 -11.10 1.75 -30.46
CA GLY A 44 -11.49 1.78 -29.05
C GLY A 44 -10.33 2.01 -28.09
N LYS A 45 -9.11 1.73 -28.52
CA LYS A 45 -7.91 1.93 -27.69
C LYS A 45 -7.81 3.36 -27.12
N GLY A 46 -7.87 4.35 -28.00
CA GLY A 46 -7.83 5.77 -27.62
C GLY A 46 -8.78 6.08 -26.49
N TRP A 47 -10.05 5.72 -26.70
CA TRP A 47 -11.10 5.90 -25.73
C TRP A 47 -10.77 5.21 -24.42
N LEU A 48 -10.32 3.96 -24.49
CA LEU A 48 -10.04 3.18 -23.28
C LEU A 48 -8.91 3.81 -22.47
N ASN A 49 -7.86 4.23 -23.18
CA ASN A 49 -6.66 4.82 -22.57
C ASN A 49 -6.91 6.15 -21.95
N ALA A 50 -7.67 6.99 -22.65
CA ALA A 50 -8.11 8.28 -22.15
C ALA A 50 -8.87 8.06 -20.85
N GLN A 51 -9.90 7.23 -20.89
CA GLN A 51 -10.78 6.97 -19.74
C GLN A 51 -10.01 6.42 -18.57
N LEU A 52 -9.09 5.50 -18.83
CA LEU A 52 -8.27 4.94 -17.77
C LEU A 52 -7.35 6.04 -17.20
N SER A 53 -6.80 6.89 -18.06
CA SER A 53 -6.01 8.03 -17.59
C SER A 53 -6.79 8.91 -16.64
N VAL A 54 -8.05 9.23 -17.01
CA VAL A 54 -8.95 10.01 -16.18
C VAL A 54 -9.12 9.34 -14.83
N ILE A 55 -9.52 8.08 -14.84
CA ILE A 55 -9.71 7.33 -13.59
C ILE A 55 -8.48 7.49 -12.72
N PHE A 56 -7.32 7.14 -13.25
CA PHE A 56 -6.08 7.18 -12.46
C PHE A 56 -5.68 8.57 -11.95
N PHE A 57 -5.75 9.58 -12.81
CA PHE A 57 -5.36 10.93 -12.44
C PHE A 57 -6.28 11.47 -11.32
N LYS A 58 -7.58 11.21 -11.44
CA LYS A 58 -8.53 11.60 -10.40
C LYS A 58 -8.29 10.85 -9.09
N LEU A 59 -8.06 9.54 -9.20
CA LEU A 59 -7.68 8.76 -8.05
C LEU A 59 -6.45 9.36 -7.35
N LEU A 60 -5.38 9.61 -8.11
CA LEU A 60 -4.16 10.21 -7.54
C LEU A 60 -4.42 11.59 -6.94
N GLU A 61 -5.09 12.45 -7.71
CA GLU A 61 -5.57 13.76 -7.24
C GLU A 61 -6.29 13.70 -5.90
N GLU A 62 -7.14 12.69 -5.73
CA GLU A 62 -7.87 12.48 -4.47
C GLU A 62 -6.93 12.24 -3.29
N HIS A 63 -5.70 11.78 -3.56
CA HIS A 63 -4.72 11.53 -2.52
C HIS A 63 -3.76 12.67 -2.30
N GLY A 64 -3.99 13.77 -2.99
CA GLY A 64 -3.13 14.93 -2.90
C GLY A 64 -1.93 14.89 -3.84
N ILE A 65 -1.94 13.98 -4.82
CA ILE A 65 -0.91 14.03 -5.85
C ILE A 65 -1.29 15.13 -6.84
N LYS A 66 -0.37 16.05 -7.10
CA LYS A 66 -0.55 17.08 -8.11
C LYS A 66 -0.32 16.52 -9.52
N THR A 67 -1.36 16.55 -10.35
CA THR A 67 -1.25 16.04 -11.71
C THR A 67 -1.66 17.11 -12.69
N HIS A 68 -1.35 16.92 -13.98
CA HIS A 68 -1.66 17.90 -15.00
C HIS A 68 -3.12 17.86 -15.43
N PHE A 69 -3.90 16.91 -14.91
CA PHE A 69 -5.29 16.73 -15.31
C PHE A 69 -6.20 17.91 -14.92
N ILE A 70 -6.86 18.46 -15.93
CA ILE A 70 -7.85 19.53 -15.74
C ILE A 70 -9.27 19.01 -15.90
N GLY A 71 -9.56 18.41 -17.07
CA GLY A 71 -10.87 17.83 -17.36
C GLY A 71 -10.92 17.02 -18.64
N VAL A 72 -12.13 16.56 -18.97
CA VAL A 72 -12.41 15.80 -20.19
C VAL A 72 -13.01 16.73 -21.25
N ALA A 73 -12.65 16.50 -22.51
CA ALA A 73 -13.23 17.23 -23.66
C ALA A 73 -13.61 16.26 -24.77
N GLY A 74 -14.42 15.27 -24.43
CA GLY A 74 -14.76 14.20 -25.37
C GLY A 74 -14.16 12.87 -24.95
N GLY A 75 -14.71 11.79 -25.51
CA GLY A 75 -14.32 10.42 -25.15
C GLY A 75 -12.83 10.15 -25.08
N ASN A 76 -12.08 10.68 -26.05
CA ASN A 76 -10.64 10.39 -26.13
C ASN A 76 -9.75 11.64 -25.99
N ARG A 77 -10.26 12.67 -25.34
CA ARG A 77 -9.56 13.94 -25.24
C ARG A 77 -9.49 14.42 -23.81
N LEU A 78 -8.28 14.68 -23.33
CA LEU A 78 -8.15 15.27 -22.00
C LEU A 78 -7.63 16.69 -22.10
N ILE A 79 -8.11 17.54 -21.20
CA ILE A 79 -7.58 18.88 -21.10
C ILE A 79 -6.57 18.85 -19.97
N VAL A 80 -5.34 19.27 -20.26
CA VAL A 80 -4.26 19.20 -19.29
C VAL A 80 -3.51 20.52 -19.20
N GLU A 81 -2.94 20.79 -18.03
CA GLU A 81 -2.10 21.95 -17.79
C GLU A 81 -0.81 21.79 -18.58
N LYS A 82 -0.41 22.84 -19.29
CA LYS A 82 0.90 22.84 -19.96
C LYS A 82 2.05 22.92 -18.95
N LEU A 83 3.03 22.04 -19.09
CA LEU A 83 4.16 21.98 -18.19
C LEU A 83 5.46 22.14 -18.94
N ASP A 84 6.48 22.60 -18.21
CA ASP A 84 7.86 22.55 -18.62
C ASP A 84 8.36 21.15 -18.19
N MSE A 85 8.44 20.24 -19.16
CA MSE A 85 8.63 18.80 -18.90
C MSE A 85 10.03 18.43 -18.53
O MSE A 85 10.99 18.91 -19.15
CB MSE A 85 8.34 17.97 -20.15
CG MSE A 85 6.87 17.99 -20.59
SE MSE A 85 5.67 17.27 -19.19
CE MSE A 85 6.20 15.38 -19.39
N TYR A 86 10.17 17.53 -17.58
CA TYR A 86 11.46 16.87 -17.33
C TYR A 86 11.78 15.87 -18.43
N PRO A 87 13.05 15.84 -18.89
CA PRO A 87 13.40 14.97 -20.02
C PRO A 87 13.64 13.53 -19.55
N LEU A 88 12.65 13.01 -18.80
CA LEU A 88 12.76 11.76 -18.08
C LEU A 88 11.56 10.83 -18.29
N GLU A 89 11.85 9.53 -18.34
CA GLU A 89 10.90 8.48 -18.02
C GLU A 89 11.26 8.00 -16.64
N VAL A 90 10.28 8.05 -15.73
CA VAL A 90 10.48 7.60 -14.37
C VAL A 90 9.74 6.27 -14.23
N VAL A 91 10.51 5.20 -14.10
CA VAL A 91 9.95 3.87 -14.06
C VAL A 91 9.95 3.30 -12.65
N VAL A 92 8.79 2.82 -12.20
CA VAL A 92 8.67 2.15 -10.92
C VAL A 92 8.27 0.69 -11.14
N ARG A 93 8.92 -0.20 -10.39
CA ARG A 93 8.84 -1.63 -10.62
C ARG A 93 8.61 -2.37 -9.31
N ASN A 94 7.55 -3.19 -9.30
CA ASN A 94 7.17 -4.03 -8.16
C ASN A 94 7.43 -5.52 -8.38
N VAL A 95 7.30 -5.96 -9.63
CA VAL A 95 7.52 -7.33 -10.01
C VAL A 95 8.50 -7.31 -11.19
N VAL A 96 9.44 -8.25 -11.18
CA VAL A 96 10.44 -8.38 -12.25
C VAL A 96 9.81 -8.73 -13.60
N ALA A 97 10.05 -7.90 -14.60
CA ALA A 97 9.54 -8.10 -15.93
C ALA A 97 10.37 -7.29 -16.92
N GLY A 98 10.22 -7.58 -18.21
CA GLY A 98 10.87 -6.82 -19.30
C GLY A 98 12.37 -6.67 -19.07
N SER A 99 12.87 -5.43 -19.13
CA SER A 99 14.29 -5.12 -19.15
C SER A 99 14.97 -5.30 -17.78
N LEU A 100 14.18 -5.35 -16.70
CA LEU A 100 14.75 -5.63 -15.39
C LEU A 100 15.41 -7.02 -15.35
N LYS A 101 14.88 -7.96 -16.14
CA LYS A 101 15.48 -9.27 -16.26
C LYS A 101 16.91 -9.22 -16.78
N LYS A 102 17.24 -8.17 -17.52
CA LYS A 102 18.60 -8.01 -18.04
C LYS A 102 19.54 -7.30 -17.07
N ARG A 103 19.04 -6.90 -15.90
CA ARG A 103 19.82 -6.13 -14.91
C ARG A 103 20.03 -6.84 -13.59
N LEU A 104 19.06 -7.64 -13.19
CA LEU A 104 19.12 -8.39 -11.95
C LEU A 104 19.01 -9.88 -12.23
N PRO A 105 19.66 -10.72 -11.41
CA PRO A 105 19.64 -12.17 -11.57
C PRO A 105 18.36 -12.77 -10.98
N LEU A 106 17.21 -12.40 -11.52
CA LEU A 106 15.92 -12.79 -10.97
C LEU A 106 14.95 -13.16 -12.07
N PRO A 107 14.11 -14.19 -11.82
CA PRO A 107 13.13 -14.64 -12.82
C PRO A 107 11.98 -13.66 -13.02
N GLU A 108 11.44 -13.66 -14.23
CA GLU A 108 10.20 -12.96 -14.53
C GLU A 108 9.13 -13.39 -13.54
N GLY A 109 8.41 -12.42 -12.98
CA GLY A 109 7.38 -12.70 -12.02
C GLY A 109 7.85 -12.57 -10.59
N TYR A 110 9.16 -12.42 -10.39
CA TYR A 110 9.72 -12.32 -9.03
C TYR A 110 9.20 -11.07 -8.32
N GLU A 111 8.63 -11.26 -7.12
CA GLU A 111 8.19 -10.14 -6.33
C GLU A 111 9.36 -9.47 -5.62
N LEU A 112 9.54 -8.18 -5.89
CA LEU A 112 10.64 -7.40 -5.34
C LEU A 112 10.32 -7.01 -3.89
N PRO A 113 11.34 -6.99 -3.01
CA PRO A 113 11.04 -6.72 -1.60
C PRO A 113 10.63 -5.26 -1.37
N GLU A 114 11.07 -4.39 -2.27
CA GLU A 114 10.76 -2.96 -2.23
C GLU A 114 10.58 -2.55 -3.67
N PRO A 115 9.82 -1.45 -3.92
CA PRO A 115 9.72 -0.95 -5.30
C PRO A 115 11.04 -0.36 -5.76
N ILE A 116 11.33 -0.52 -7.05
CA ILE A 116 12.55 -0.01 -7.70
C ILE A 116 12.15 1.19 -8.56
N VAL A 117 12.91 2.29 -8.46
CA VAL A 117 12.71 3.46 -9.32
C VAL A 117 13.91 3.55 -10.25
N GLU A 118 13.66 3.50 -11.55
CA GLU A 118 14.70 3.78 -12.54
C GLU A 118 14.37 5.05 -13.29
N LEU A 119 15.43 5.78 -13.64
CA LEU A 119 15.37 6.99 -14.44
C LEU A 119 15.96 6.69 -15.80
N TYR A 120 15.28 7.15 -16.84
CA TYR A 120 15.74 7.02 -18.18
C TYR A 120 15.72 8.38 -18.82
N TYR A 121 16.72 8.64 -19.65
CA TYR A 121 16.81 9.87 -20.41
C TYR A 121 15.88 9.81 -21.63
N LYS A 122 14.90 10.71 -21.68
CA LYS A 122 13.96 10.74 -22.78
C LYS A 122 14.66 11.26 -24.02
N ASN A 123 14.96 10.35 -24.96
CA ASN A 123 15.74 10.65 -26.16
C ASN A 123 15.70 9.45 -27.06
N ASP A 124 14.91 9.52 -28.13
CA ASP A 124 14.66 8.39 -29.03
C ASP A 124 15.90 7.99 -29.80
N GLU A 125 16.73 8.97 -30.11
CA GLU A 125 17.96 8.71 -30.87
C GLU A 125 18.94 7.83 -30.11
N LEU A 126 18.97 8.02 -28.80
CA LEU A 126 19.75 7.20 -27.91
C LEU A 126 18.93 6.04 -27.35
N HIS A 127 17.70 5.86 -27.86
CA HIS A 127 16.76 4.79 -27.40
C HIS A 127 16.49 4.81 -25.90
N ASP A 128 16.31 6.00 -25.32
CA ASP A 128 15.95 6.14 -23.87
C ASP A 128 16.86 5.38 -22.90
N PRO A 129 18.13 5.79 -22.78
CA PRO A 129 19.07 5.05 -21.94
C PRO A 129 18.79 5.27 -20.45
N MSE A 130 19.15 4.30 -19.61
CA MSE A 130 19.05 4.49 -18.17
C MSE A 130 20.12 5.43 -17.69
O MSE A 130 21.26 5.40 -18.17
CB MSE A 130 19.23 3.20 -17.37
CG MSE A 130 18.42 3.31 -16.09
SE MSE A 130 18.50 1.61 -15.09
CE MSE A 130 20.34 1.86 -14.43
N ILE A 131 19.75 6.29 -16.75
CA ILE A 131 20.69 7.22 -16.15
C ILE A 131 20.59 7.18 -14.63
N ASN A 132 21.62 7.70 -13.97
CA ASN A 132 21.59 7.87 -12.52
C ASN A 132 21.52 9.35 -12.12
N TYR A 133 21.70 9.64 -10.84
CA TYR A 133 21.60 11.02 -10.36
C TYR A 133 22.70 11.94 -10.89
N TYR A 134 23.90 11.40 -11.13
CA TYR A 134 24.97 12.20 -11.75
C TYR A 134 24.62 12.58 -13.18
N HIS A 135 24.14 11.63 -13.99
CA HIS A 135 23.72 11.96 -15.36
C HIS A 135 22.63 12.98 -15.34
N ALA A 136 21.70 12.85 -14.38
CA ALA A 136 20.54 13.74 -14.32
C ALA A 136 20.96 15.20 -14.04
N LYS A 137 21.97 15.38 -13.18
CA LYS A 137 22.54 16.69 -12.92
C LYS A 137 23.10 17.35 -14.21
N VAL A 138 23.86 16.59 -14.98
CA VAL A 138 24.38 17.06 -16.28
C VAL A 138 23.24 17.53 -17.18
N LEU A 139 22.14 16.77 -17.18
CA LEU A 139 20.97 17.14 -17.97
C LEU A 139 20.21 18.29 -17.31
N GLY A 140 20.77 18.85 -16.25
CA GLY A 140 20.22 20.04 -15.60
C GLY A 140 19.15 19.80 -14.55
N ILE A 141 19.09 18.59 -14.01
CA ILE A 141 18.12 18.26 -12.98
C ILE A 141 18.82 18.09 -11.64
N SER A 142 18.45 18.94 -10.69
CA SER A 142 19.15 18.98 -9.42
C SER A 142 18.85 17.72 -8.61
N LEU A 143 19.74 17.39 -7.69
CA LEU A 143 19.51 16.28 -6.78
C LEU A 143 18.19 16.45 -6.00
N ASP A 144 17.86 17.70 -5.69
CA ASP A 144 16.65 18.01 -4.94
C ASP A 144 15.36 17.70 -5.70
N GLU A 145 15.31 18.09 -6.96
CA GLU A 145 14.21 17.74 -7.86
C GLU A 145 14.05 16.23 -8.03
N ILE A 146 15.16 15.54 -8.31
CA ILE A 146 15.18 14.09 -8.43
C ILE A 146 14.55 13.40 -7.22
N LYS A 147 14.84 13.86 -6.01
CA LYS A 147 14.31 13.19 -4.86
C LYS A 147 12.84 13.51 -4.64
N LYS A 148 12.43 14.70 -5.07
CA LYS A 148 11.02 15.02 -5.08
C LYS A 148 10.29 14.11 -6.06
N ILE A 149 10.78 14.08 -7.30
CA ILE A 149 10.23 13.22 -8.35
C ILE A 149 10.08 11.79 -7.82
N GLU A 150 11.18 11.21 -7.33
CA GLU A 150 11.17 9.81 -6.87
C GLU A 150 10.17 9.58 -5.73
N GLU A 151 10.09 10.55 -4.81
CA GLU A 151 9.13 10.46 -3.70
C GLU A 151 7.69 10.45 -4.24
N ILE A 152 7.37 11.36 -5.16
CA ILE A 152 6.07 11.38 -5.81
CA ILE A 152 6.06 11.37 -5.81
C ILE A 152 5.81 10.02 -6.51
N ALA A 153 6.81 9.53 -7.27
CA ALA A 153 6.63 8.31 -8.05
C ALA A 153 6.31 7.12 -7.16
N LEU A 154 6.97 7.05 -6.01
CA LEU A 154 6.76 5.99 -5.05
C LEU A 154 5.38 6.06 -4.41
N LYS A 155 4.94 7.27 -4.12
CA LYS A 155 3.60 7.52 -3.59
C LYS A 155 2.55 7.09 -4.58
N VAL A 156 2.72 7.51 -5.83
CA VAL A 156 1.84 7.12 -6.92
C VAL A 156 1.79 5.60 -7.07
N ASN A 157 2.96 4.97 -7.01
CA ASN A 157 3.07 3.53 -7.15
C ASN A 157 2.23 2.85 -6.09
N GLU A 158 2.31 3.35 -4.86
CA GLU A 158 1.59 2.69 -3.77
C GLU A 158 0.09 2.79 -3.95
N ILE A 159 -0.40 3.95 -4.39
CA ILE A 159 -1.85 4.15 -4.61
C ILE A 159 -2.37 3.31 -5.79
N LEU A 160 -1.65 3.31 -6.89
CA LEU A 160 -2.08 2.51 -8.03
C LEU A 160 -1.99 1.02 -7.75
N LYS A 161 -0.87 0.57 -7.16
CA LYS A 161 -0.69 -0.83 -6.77
C LYS A 161 -1.83 -1.36 -5.88
N ASP A 162 -2.16 -0.57 -4.83
CA ASP A 162 -3.15 -1.01 -3.85
C ASP A 162 -4.56 -0.99 -4.39
N TYR A 163 -4.88 0.05 -5.14
CA TYR A 163 -6.15 0.15 -5.85
C TYR A 163 -6.41 -1.06 -6.78
N LEU A 164 -5.43 -1.35 -7.63
CA LEU A 164 -5.52 -2.42 -8.63
C LEU A 164 -5.48 -3.82 -8.01
N ALA A 165 -4.73 -3.97 -6.93
CA ALA A 165 -4.66 -5.24 -6.20
C ALA A 165 -6.00 -5.69 -5.65
N LYS A 166 -6.82 -4.73 -5.20
CA LYS A 166 -8.14 -5.05 -4.66
C LYS A 166 -9.05 -5.58 -5.75
N LYS A 167 -8.69 -5.31 -7.00
CA LYS A 167 -9.45 -5.72 -8.16
C LYS A 167 -8.80 -6.88 -8.90
N GLY A 168 -7.95 -7.63 -8.20
CA GLY A 168 -7.23 -8.75 -8.80
C GLY A 168 -6.27 -8.39 -9.94
N ILE A 169 -5.74 -7.16 -9.93
CA ILE A 169 -4.69 -6.75 -10.89
C ILE A 169 -3.35 -6.45 -10.22
N ILE A 170 -2.29 -7.11 -10.69
CA ILE A 170 -0.90 -6.81 -10.27
C ILE A 170 -0.33 -5.62 -11.06
N LEU A 171 0.08 -4.57 -10.34
CA LEU A 171 0.87 -3.50 -10.96
C LEU A 171 2.33 -3.93 -10.95
N VAL A 172 2.79 -4.43 -12.10
CA VAL A 172 4.11 -5.04 -12.23
C VAL A 172 5.18 -3.94 -12.36
N ASP A 173 4.96 -3.01 -13.28
CA ASP A 173 5.83 -1.85 -13.40
C ASP A 173 5.04 -0.83 -14.20
N PHE A 174 5.56 0.40 -14.27
CA PHE A 174 4.95 1.47 -15.04
C PHE A 174 5.90 2.66 -15.22
N LYS A 175 5.60 3.52 -16.21
CA LYS A 175 6.43 4.67 -16.54
C LYS A 175 5.65 5.95 -16.29
N LEU A 176 6.28 6.93 -15.66
CA LEU A 176 5.65 8.23 -15.45
C LEU A 176 6.52 9.32 -16.03
N GLU A 177 5.90 10.45 -16.30
CA GLU A 177 6.56 11.64 -16.73
C GLU A 177 6.08 12.80 -15.85
N PHE A 178 6.96 13.78 -15.69
CA PHE A 178 6.78 14.92 -14.80
C PHE A 178 7.22 16.21 -15.47
N GLY A 179 6.63 17.31 -15.03
CA GLY A 179 7.02 18.64 -15.45
C GLY A 179 6.83 19.71 -14.38
N LYS A 180 7.24 20.93 -14.72
CA LYS A 180 7.18 22.05 -13.79
C LYS A 180 6.05 22.97 -14.24
N ASP A 181 5.19 23.38 -13.31
CA ASP A 181 4.13 24.34 -13.65
C ASP A 181 4.62 25.78 -13.48
N LYS A 182 3.73 26.75 -13.68
CA LYS A 182 4.04 28.18 -13.50
C LYS A 182 4.73 28.51 -12.17
N ASN A 183 4.22 27.93 -11.09
CA ASN A 183 4.78 28.16 -9.74
C ASN A 183 6.11 27.45 -9.48
N GLY A 184 6.51 26.59 -10.41
CA GLY A 184 7.70 25.75 -10.23
C GLY A 184 7.49 24.47 -9.42
N ASP A 185 6.24 24.09 -9.15
CA ASP A 185 5.94 22.80 -8.53
C ASP A 185 6.14 21.66 -9.54
N ILE A 186 6.54 20.49 -9.03
CA ILE A 186 6.69 19.29 -9.84
C ILE A 186 5.33 18.60 -9.99
N VAL A 187 4.91 18.39 -11.23
CA VAL A 187 3.55 17.95 -11.55
C VAL A 187 3.56 16.69 -12.42
N LEU A 188 2.84 15.65 -11.98
CA LEU A 188 2.64 14.42 -12.74
C LEU A 188 1.89 14.67 -14.05
N ALA A 189 2.42 14.17 -15.15
CA ALA A 189 1.92 14.47 -16.48
C ALA A 189 1.68 13.24 -17.33
N ASP A 190 1.74 13.45 -18.64
CA ASP A 190 1.53 12.43 -19.66
C ASP A 190 0.27 11.59 -19.44
N GLU A 191 0.42 10.25 -19.51
CA GLU A 191 -0.74 9.36 -19.40
C GLU A 191 -0.51 8.26 -18.40
N ILE A 192 -1.59 7.64 -17.95
CA ILE A 192 -1.47 6.42 -17.17
C ILE A 192 -2.48 5.42 -17.72
N SER A 193 -1.97 4.47 -18.52
CA SER A 193 -2.84 3.52 -19.20
C SER A 193 -2.13 2.17 -19.39
N PRO A 194 -2.85 1.17 -19.93
CA PRO A 194 -2.20 -0.10 -20.23
C PRO A 194 -1.11 0.04 -21.31
N ASP A 195 -0.98 1.20 -21.92
CA ASP A 195 0.15 1.51 -22.79
C ASP A 195 1.45 1.77 -22.00
N THR A 196 1.30 2.27 -20.78
CA THR A 196 2.45 2.75 -20.01
C THR A 196 2.67 2.02 -18.67
N CYS A 197 1.92 0.93 -18.46
CA CYS A 197 2.07 0.06 -17.28
C CYS A 197 2.01 -1.39 -17.70
N ARG A 198 2.61 -2.26 -16.90
CA ARG A 198 2.36 -3.68 -17.01
C ARG A 198 1.37 -4.07 -15.92
N PHE A 199 0.19 -4.53 -16.38
CA PHE A 199 -0.84 -5.08 -15.54
C PHE A 199 -0.92 -6.57 -15.82
N TRP A 200 -0.87 -7.37 -14.75
CA TRP A 200 -1.10 -8.81 -14.79
C TRP A 200 -2.32 -9.18 -13.99
N ASP A 201 -3.06 -10.16 -14.49
CA ASP A 201 -4.14 -10.74 -13.69
C ASP A 201 -3.54 -11.48 -12.50
N ALA A 202 -4.08 -11.22 -11.30
CA ALA A 202 -3.55 -11.79 -10.07
C ALA A 202 -3.54 -13.31 -10.11
N LYS A 203 -4.66 -13.92 -10.54
CA LYS A 203 -4.78 -15.39 -10.60
C LYS A 203 -3.88 -16.03 -11.65
N THR A 204 -4.05 -15.61 -12.90
CA THR A 204 -3.45 -16.33 -14.03
C THR A 204 -2.08 -15.73 -14.42
N LYS A 205 -1.86 -14.48 -14.06
CA LYS A 205 -0.67 -13.73 -14.45
C LYS A 205 -0.58 -13.43 -15.94
N ARG A 206 -1.71 -13.30 -16.62
CA ARG A 206 -1.68 -12.90 -18.03
C ARG A 206 -1.61 -11.37 -18.14
N SER A 207 -0.93 -10.90 -19.17
CA SER A 207 -0.75 -9.46 -19.43
C SER A 207 -2.08 -8.88 -19.84
N LEU A 208 -2.38 -7.68 -19.31
CA LEU A 208 -3.60 -6.93 -19.58
C LEU A 208 -3.22 -5.50 -20.01
N ASP A 209 -2.35 -5.42 -21.02
CA ASP A 209 -1.66 -4.19 -21.36
C ASP A 209 -1.04 -4.34 -22.74
N LYS A 210 -0.11 -3.44 -23.08
CA LYS A 210 0.48 -3.38 -24.39
C LYS A 210 1.38 -4.59 -24.75
N ASP A 211 1.79 -5.36 -23.75
CA ASP A 211 2.63 -6.55 -24.00
C ASP A 211 1.89 -7.59 -24.83
N VAL A 212 0.56 -7.49 -24.77
CA VAL A 212 -0.32 -8.32 -25.56
C VAL A 212 -0.11 -7.99 -27.04
N PHE A 213 0.11 -6.71 -27.34
CA PHE A 213 0.43 -6.29 -28.70
C PHE A 213 1.91 -6.53 -29.06
N ARG A 214 2.82 -6.15 -28.16
CA ARG A 214 4.26 -6.24 -28.40
C ARG A 214 4.70 -7.63 -28.78
N PHE A 215 4.08 -8.62 -28.15
CA PHE A 215 4.50 -10.01 -28.33
C PHE A 215 3.34 -10.92 -28.76
N ASP A 216 2.33 -10.33 -29.42
CA ASP A 216 1.16 -11.07 -29.93
C ASP A 216 0.75 -12.23 -29.02
N LYS A 217 0.39 -11.90 -27.77
CA LYS A 217 0.08 -12.90 -26.76
C LYS A 217 -1.42 -13.02 -26.58
N GLY A 218 -2.17 -12.28 -27.40
CA GLY A 218 -3.65 -12.26 -27.34
C GLY A 218 -4.30 -11.07 -28.05
N ASP A 219 -5.55 -10.77 -27.68
CA ASP A 219 -6.33 -9.67 -28.25
C ASP A 219 -6.20 -8.42 -27.38
N LEU A 220 -5.65 -7.35 -27.97
CA LEU A 220 -5.39 -6.11 -27.23
C LEU A 220 -6.64 -5.42 -26.69
N ILE A 221 -7.62 -5.18 -27.58
CA ILE A 221 -8.86 -4.50 -27.20
C ILE A 221 -9.57 -5.25 -26.10
N GLU A 222 -9.43 -6.58 -26.13
CA GLU A 222 -9.97 -7.47 -25.09
C GLU A 222 -9.36 -7.25 -23.69
N ALA A 223 -8.03 -7.20 -23.62
CA ALA A 223 -7.34 -7.02 -22.36
C ALA A 223 -7.62 -5.64 -21.78
N TYR A 224 -7.57 -4.61 -22.64
CA TYR A 224 -7.81 -3.24 -22.20
C TYR A 224 -9.24 -3.08 -21.68
N LYS A 225 -10.20 -3.68 -22.39
CA LYS A 225 -11.59 -3.75 -21.91
C LYS A 225 -11.68 -4.43 -20.54
N GLU A 226 -11.00 -5.56 -20.39
CA GLU A 226 -10.93 -6.27 -19.12
C GLU A 226 -10.49 -5.38 -17.96
N ILE A 227 -9.43 -4.59 -18.16
CA ILE A 227 -8.94 -3.64 -17.15
C ILE A 227 -10.05 -2.68 -16.80
N TYR A 228 -10.60 -2.03 -17.84
CA TYR A 228 -11.66 -1.03 -17.70
C TYR A 228 -12.87 -1.57 -16.94
N GLU A 229 -13.31 -2.76 -17.35
CA GLU A 229 -14.47 -3.43 -16.75
C GLU A 229 -14.23 -3.72 -15.28
N ARG A 230 -13.02 -4.16 -14.93
CA ARG A 230 -12.71 -4.51 -13.55
C ARG A 230 -12.69 -3.30 -12.66
N ILE A 231 -12.10 -2.22 -13.17
CA ILE A 231 -12.04 -0.95 -12.44
C ILE A 231 -13.40 -0.30 -12.25
N THR A 232 -14.16 -0.19 -13.34
CA THR A 232 -15.44 0.52 -13.32
C THR A 232 -16.62 -0.36 -12.94
N GLY A 233 -16.47 -1.67 -13.11
CA GLY A 233 -17.59 -2.60 -12.94
C GLY A 233 -18.62 -2.52 -14.07
N GLU A 234 -18.23 -1.88 -15.17
CA GLU A 234 -19.14 -1.64 -16.30
C GLU A 234 -18.42 -1.85 -17.63
N LYS A 235 -19.10 -2.51 -18.55
CA LYS A 235 -18.58 -2.73 -19.89
C LYS A 235 -18.37 -1.38 -20.58
N PRO A 236 -17.32 -1.28 -21.42
CA PRO A 236 -16.90 0.01 -21.99
C PRO A 236 -17.89 0.62 -22.99
N GLU A 237 -18.26 1.89 -22.72
CA GLU A 237 -19.24 2.65 -23.50
C GLU A 237 -18.73 3.11 -24.88
N PHE A 238 -17.86 4.10 -24.92
CA PHE A 238 -17.31 4.58 -26.20
C PHE A 238 -18.28 5.50 -26.93
N ALA B 12 -6.37 -10.49 28.72
CA ALA B 12 -6.73 -11.66 27.88
C ALA B 12 -5.50 -12.50 27.49
N LYS B 13 -4.34 -12.18 28.06
CA LYS B 13 -3.15 -13.00 27.86
C LYS B 13 -2.47 -13.36 29.18
N LYS B 14 -1.90 -14.55 29.23
CA LYS B 14 -1.06 -14.96 30.35
C LYS B 14 0.36 -15.11 29.84
N MSE B 15 1.29 -14.39 30.47
CA MSE B 15 2.71 -14.40 30.09
C MSE B 15 3.46 -15.27 31.05
O MSE B 15 3.60 -14.94 32.23
CB MSE B 15 3.33 -13.00 30.10
CG MSE B 15 2.61 -11.97 29.22
SE MSE B 15 2.52 -12.55 27.33
CE MSE B 15 4.33 -12.03 26.75
N ILE B 16 3.96 -16.39 30.55
CA ILE B 16 4.60 -17.39 31.40
C ILE B 16 6.09 -17.49 31.08
N PRO B 17 6.94 -17.00 32.00
CA PRO B 17 8.39 -17.02 31.82
C PRO B 17 8.93 -18.44 31.71
N ILE B 18 9.71 -18.71 30.66
CA ILE B 18 10.44 -19.96 30.55
C ILE B 18 11.80 -19.77 31.21
N ASP B 19 12.55 -18.77 30.73
CA ASP B 19 13.82 -18.37 31.36
C ASP B 19 14.12 -16.89 31.12
N ASP B 20 15.40 -16.54 31.12
CA ASP B 20 15.86 -15.17 30.94
C ASP B 20 15.70 -14.62 29.52
N ASP B 21 15.46 -15.49 28.54
CA ASP B 21 15.35 -15.06 27.14
C ASP B 21 14.05 -15.43 26.39
N LYS B 22 13.21 -16.27 27.01
CA LYS B 22 11.97 -16.72 26.39
C LYS B 22 10.79 -16.71 27.34
N LEU B 23 9.59 -16.68 26.75
CA LEU B 23 8.39 -16.89 27.53
C LEU B 23 7.24 -17.44 26.69
N ILE B 24 6.23 -17.94 27.39
CA ILE B 24 5.02 -18.40 26.76
C ILE B 24 3.92 -17.35 26.87
N MSE B 25 3.38 -16.97 25.71
CA MSE B 25 2.24 -16.08 25.66
C MSE B 25 1.01 -16.94 25.48
O MSE B 25 0.84 -17.60 24.45
CB MSE B 25 2.45 -15.16 24.46
CG MSE B 25 1.31 -14.17 24.19
SE MSE B 25 2.03 -12.65 23.13
CE MSE B 25 2.19 -13.53 21.38
N GLU B 26 0.15 -16.94 26.48
CA GLU B 26 -1.06 -17.72 26.39
C GLU B 26 -2.26 -16.82 26.23
N PHE B 27 -3.06 -17.11 25.20
CA PHE B 27 -4.25 -16.34 24.89
C PHE B 27 -5.45 -16.96 25.58
N LYS B 28 -6.16 -16.14 26.34
CA LYS B 28 -7.33 -16.58 27.08
C LYS B 28 -8.62 -16.32 26.29
N ASP B 29 -9.72 -16.90 26.73
CA ASP B 29 -11.02 -16.66 26.12
C ASP B 29 -11.79 -15.48 26.76
N ASP B 30 -11.19 -14.84 27.75
CA ASP B 30 -11.76 -13.65 28.38
C ASP B 30 -11.74 -12.44 27.43
N ALA B 31 -12.88 -11.75 27.37
CA ALA B 31 -12.99 -10.49 26.67
C ALA B 31 -13.25 -9.42 27.72
N THR B 32 -12.46 -8.36 27.67
CA THR B 32 -12.58 -7.27 28.62
C THR B 32 -12.54 -5.93 27.91
N ALA B 33 -13.41 -5.01 28.33
CA ALA B 33 -13.44 -3.65 27.80
C ALA B 33 -13.83 -2.63 28.87
N PHE B 34 -13.69 -1.35 28.52
CA PHE B 34 -13.99 -0.21 29.39
C PHE B 34 -13.47 -0.36 30.82
N ASP B 35 -12.17 -0.67 30.91
CA ASP B 35 -11.45 -0.84 32.18
C ASP B 35 -11.95 -1.97 33.06
N GLY B 36 -12.39 -3.05 32.41
CA GLY B 36 -12.91 -4.21 33.11
C GLY B 36 -14.33 -4.06 33.62
N THR B 37 -14.99 -2.96 33.28
CA THR B 37 -16.38 -2.76 33.69
C THR B 37 -17.32 -3.58 32.80
N LYS B 38 -16.79 -4.03 31.65
CA LYS B 38 -17.53 -4.86 30.70
C LYS B 38 -16.71 -6.12 30.38
N LYS B 39 -17.12 -7.24 30.95
CA LYS B 39 -16.39 -8.49 30.78
C LYS B 39 -17.26 -9.62 30.24
N ALA B 40 -16.61 -10.59 29.59
CA ALA B 40 -17.26 -11.77 29.03
C ALA B 40 -16.22 -12.82 28.71
N ARG B 41 -16.68 -14.01 28.32
CA ARG B 41 -15.81 -15.07 27.85
C ARG B 41 -16.39 -15.59 26.54
N PHE B 42 -15.51 -15.82 25.56
CA PHE B 42 -15.93 -16.32 24.25
C PHE B 42 -15.11 -17.54 23.88
N LYS B 43 -15.75 -18.71 23.92
CA LYS B 43 -15.07 -19.96 23.64
C LYS B 43 -14.50 -19.92 22.23
N GLY B 44 -13.20 -20.17 22.11
CA GLY B 44 -12.55 -20.12 20.81
C GLY B 44 -11.73 -18.86 20.53
N LYS B 45 -12.00 -17.77 21.25
CA LYS B 45 -11.31 -16.48 21.05
C LYS B 45 -9.78 -16.59 21.16
N GLY B 46 -9.31 -17.15 22.27
CA GLY B 46 -7.88 -17.33 22.52
C GLY B 46 -7.21 -18.06 21.37
N TRP B 47 -7.81 -19.18 20.99
CA TRP B 47 -7.32 -19.96 19.88
C TRP B 47 -7.24 -19.12 18.63
N LEU B 48 -8.33 -18.42 18.31
CA LEU B 48 -8.39 -17.57 17.12
C LEU B 48 -7.34 -16.45 17.13
N ASN B 49 -7.17 -15.80 18.28
CA ASN B 49 -6.21 -14.72 18.44
C ASN B 49 -4.79 -15.19 18.31
N ALA B 50 -4.48 -16.29 18.99
CA ALA B 50 -3.17 -16.92 18.93
C ALA B 50 -2.82 -17.23 17.49
N GLN B 51 -3.71 -17.95 16.80
CA GLN B 51 -3.51 -18.33 15.40
C GLN B 51 -3.36 -17.16 14.44
N LEU B 52 -4.18 -16.13 14.65
CA LEU B 52 -4.08 -14.93 13.84
C LEU B 52 -2.76 -14.23 14.13
N SER B 53 -2.31 -14.24 15.38
CA SER B 53 -0.98 -13.70 15.73
C SER B 53 0.14 -14.45 15.00
N VAL B 54 0.10 -15.80 15.06
CA VAL B 54 1.04 -16.61 14.32
C VAL B 54 1.13 -16.19 12.85
N ILE B 55 -0.04 -16.18 12.17
CA ILE B 55 -0.11 -15.85 10.75
C ILE B 55 0.55 -14.47 10.50
N PHE B 56 0.13 -13.46 11.26
CA PHE B 56 0.69 -12.10 11.10
C PHE B 56 2.18 -12.00 11.38
N PHE B 57 2.65 -12.59 12.49
CA PHE B 57 4.09 -12.54 12.80
C PHE B 57 4.96 -13.22 11.76
N LYS B 58 4.52 -14.35 11.22
CA LYS B 58 5.26 -15.06 10.17
C LYS B 58 5.22 -14.32 8.84
N LEU B 59 4.05 -13.78 8.51
CA LEU B 59 3.95 -12.89 7.38
C LEU B 59 4.96 -11.74 7.49
N LEU B 60 4.98 -11.09 8.67
CA LEU B 60 5.91 -9.96 8.89
C LEU B 60 7.38 -10.44 8.86
N GLU B 61 7.67 -11.55 9.55
CA GLU B 61 9.01 -12.14 9.54
CA GLU B 61 9.01 -12.14 9.55
C GLU B 61 9.46 -12.48 8.12
N GLU B 62 8.52 -12.83 7.26
CA GLU B 62 8.82 -13.12 5.86
C GLU B 62 9.29 -11.88 5.09
N HIS B 63 8.95 -10.70 5.60
CA HIS B 63 9.39 -9.45 4.99
C HIS B 63 10.59 -8.85 5.66
N GLY B 64 11.20 -9.60 6.56
CA GLY B 64 12.37 -9.09 7.24
C GLY B 64 12.06 -8.24 8.46
N ILE B 65 10.81 -8.20 8.90
CA ILE B 65 10.50 -7.57 10.19
C ILE B 65 10.94 -8.53 11.31
N LYS B 66 11.76 -8.02 12.23
CA LYS B 66 12.12 -8.77 13.43
C LYS B 66 10.97 -8.73 14.46
N THR B 67 10.50 -9.91 14.84
CA THR B 67 9.41 -9.99 15.81
C THR B 67 9.83 -10.93 16.92
N HIS B 68 9.06 -10.93 18.01
CA HIS B 68 9.39 -11.77 19.15
C HIS B 68 8.95 -13.21 18.98
N PHE B 69 8.26 -13.52 17.88
CA PHE B 69 7.72 -14.86 17.61
C PHE B 69 8.77 -15.95 17.37
N ILE B 70 8.78 -16.96 18.25
CA ILE B 70 9.67 -18.11 18.15
C ILE B 70 8.96 -19.34 17.55
N GLY B 71 7.85 -19.73 18.15
CA GLY B 71 7.04 -20.84 17.63
C GLY B 71 5.74 -21.04 18.40
N VAL B 72 5.05 -22.13 18.08
CA VAL B 72 3.77 -22.48 18.70
C VAL B 72 4.00 -23.57 19.74
N ALA B 73 3.24 -23.51 20.84
CA ALA B 73 3.26 -24.55 21.87
C ALA B 73 1.84 -24.92 22.26
N GLY B 74 1.04 -25.32 21.28
CA GLY B 74 -0.37 -25.61 21.50
C GLY B 74 -1.26 -24.54 20.90
N GLY B 75 -2.53 -24.88 20.70
CA GLY B 75 -3.50 -24.04 20.01
C GLY B 75 -3.54 -22.57 20.41
N ASN B 76 -3.43 -22.30 21.71
CA ASN B 76 -3.55 -20.94 22.21
C ASN B 76 -2.30 -20.42 22.95
N ARG B 77 -1.15 -21.00 22.64
CA ARG B 77 0.09 -20.66 23.30
C ARG B 77 1.20 -20.40 22.31
N LEU B 78 1.85 -19.23 22.44
CA LEU B 78 2.99 -18.92 21.60
C LEU B 78 4.25 -18.82 22.46
N ILE B 79 5.36 -19.26 21.87
CA ILE B 79 6.64 -19.10 22.51
C ILE B 79 7.26 -17.86 21.91
N VAL B 80 7.59 -16.90 22.77
CA VAL B 80 8.15 -15.63 22.32
C VAL B 80 9.44 -15.26 23.03
N GLU B 81 10.27 -14.47 22.37
CA GLU B 81 11.53 -13.97 22.93
C GLU B 81 11.23 -12.94 24.01
N LYS B 82 11.89 -13.07 25.17
CA LYS B 82 11.69 -12.08 26.22
C LYS B 82 12.40 -10.79 25.84
N LEU B 83 11.70 -9.67 26.02
CA LEU B 83 12.21 -8.37 25.61
C LEU B 83 12.19 -7.37 26.75
N ASP B 84 13.09 -6.40 26.66
CA ASP B 84 13.03 -5.20 27.50
C ASP B 84 12.04 -4.25 26.79
N MSE B 85 10.82 -4.15 27.31
CA MSE B 85 9.71 -3.54 26.58
C MSE B 85 9.76 -2.02 26.60
O MSE B 85 10.07 -1.41 27.63
CB MSE B 85 8.32 -3.94 27.13
CG MSE B 85 8.03 -5.43 26.93
SE MSE B 85 7.87 -5.87 25.01
CE MSE B 85 6.16 -4.98 24.67
N TYR B 86 9.42 -1.42 25.47
CA TYR B 86 9.14 0.01 25.46
C TYR B 86 7.79 0.30 26.11
N PRO B 87 7.73 1.30 27.01
CA PRO B 87 6.47 1.63 27.69
C PRO B 87 5.47 2.36 26.78
N LEU B 88 5.26 1.79 25.58
CA LEU B 88 4.48 2.41 24.54
C LEU B 88 3.39 1.52 23.91
N GLU B 89 2.26 2.17 23.56
CA GLU B 89 1.43 1.72 22.49
C GLU B 89 1.77 2.51 21.24
N VAL B 90 2.09 1.81 20.16
CA VAL B 90 2.36 2.46 18.91
C VAL B 90 1.18 2.18 17.95
N VAL B 91 0.34 3.20 17.75
CA VAL B 91 -0.89 3.06 17.00
C VAL B 91 -0.70 3.59 15.57
N VAL B 92 -1.10 2.80 14.58
CA VAL B 92 -1.06 3.21 13.18
C VAL B 92 -2.46 3.22 12.62
N ARG B 93 -2.79 4.29 11.88
CA ARG B 93 -4.16 4.57 11.47
C ARG B 93 -4.23 4.93 10.00
N ASN B 94 -5.06 4.18 9.27
CA ASN B 94 -5.32 4.39 7.85
C ASN B 94 -6.67 5.02 7.57
N VAL B 95 -7.62 4.76 8.45
CA VAL B 95 -9.00 5.17 8.27
C VAL B 95 -9.43 5.71 9.64
N VAL B 96 -10.06 6.88 9.62
CA VAL B 96 -10.60 7.55 10.82
C VAL B 96 -11.63 6.66 11.50
N ALA B 97 -11.37 6.37 12.78
CA ALA B 97 -12.27 5.61 13.64
C ALA B 97 -11.85 5.89 15.07
N GLY B 98 -12.70 5.49 16.01
CA GLY B 98 -12.41 5.58 17.43
C GLY B 98 -12.04 6.97 17.91
N SER B 99 -10.90 7.04 18.57
CA SER B 99 -10.46 8.25 19.22
C SER B 99 -9.88 9.28 18.25
N LEU B 100 -9.57 8.85 17.04
CA LEU B 100 -9.13 9.82 16.04
C LEU B 100 -10.24 10.84 15.70
N LYS B 101 -11.50 10.39 15.77
CA LYS B 101 -12.65 11.29 15.59
C LYS B 101 -12.63 12.44 16.59
N LYS B 102 -11.96 12.27 17.72
CA LYS B 102 -11.95 13.35 18.69
C LYS B 102 -10.76 14.30 18.51
N ARG B 103 -9.93 14.02 17.50
CA ARG B 103 -8.70 14.81 17.26
C ARG B 103 -8.68 15.56 15.95
N LEU B 104 -9.35 15.01 14.95
CA LEU B 104 -9.42 15.56 13.61
C LEU B 104 -10.88 15.81 13.25
N PRO B 105 -11.13 16.86 12.43
CA PRO B 105 -12.49 17.22 12.02
C PRO B 105 -12.93 16.38 10.82
N LEU B 106 -12.98 15.07 11.00
CA LEU B 106 -13.20 14.14 9.88
C LEU B 106 -14.14 13.02 10.29
N PRO B 107 -15.01 12.58 9.37
CA PRO B 107 -15.99 11.57 9.70
C PRO B 107 -15.38 10.19 9.86
N GLU B 108 -16.05 9.35 10.63
CA GLU B 108 -15.75 7.95 10.72
C GLU B 108 -15.77 7.34 9.32
N GLY B 109 -14.75 6.52 9.03
CA GLY B 109 -14.62 5.91 7.72
C GLY B 109 -13.83 6.73 6.72
N TYR B 110 -13.42 7.93 7.12
CA TYR B 110 -12.60 8.80 6.24
C TYR B 110 -11.23 8.16 5.95
N GLU B 111 -10.92 8.03 4.67
CA GLU B 111 -9.64 7.45 4.28
C GLU B 111 -8.56 8.52 4.33
N LEU B 112 -7.56 8.30 5.18
CA LEU B 112 -6.46 9.25 5.36
C LEU B 112 -5.50 9.22 4.17
N PRO B 113 -4.95 10.39 3.81
CA PRO B 113 -4.08 10.41 2.63
C PRO B 113 -2.78 9.64 2.87
N GLU B 114 -2.29 9.68 4.11
CA GLU B 114 -1.12 8.92 4.53
C GLU B 114 -1.48 8.27 5.84
N PRO B 115 -0.73 7.22 6.24
CA PRO B 115 -0.96 6.62 7.57
C PRO B 115 -0.52 7.55 8.68
N ILE B 116 -1.27 7.55 9.79
CA ILE B 116 -0.95 8.31 11.00
C ILE B 116 -0.30 7.38 12.05
N VAL B 117 0.83 7.81 12.63
CA VAL B 117 1.42 7.11 13.78
C VAL B 117 1.23 7.95 15.03
N GLU B 118 0.58 7.37 16.05
CA GLU B 118 0.42 7.96 17.37
C GLU B 118 1.13 7.09 18.43
N LEU B 119 1.74 7.77 19.38
CA LEU B 119 2.39 7.16 20.54
C LEU B 119 1.53 7.36 21.80
N TYR B 120 1.34 6.29 22.54
CA TYR B 120 0.64 6.39 23.82
C TYR B 120 1.54 5.86 24.89
N TYR B 121 1.53 6.53 26.03
CA TYR B 121 2.27 6.05 27.18
C TYR B 121 1.47 4.92 27.85
N LYS B 122 2.10 3.76 27.96
CA LYS B 122 1.45 2.58 28.53
C LYS B 122 1.41 2.73 30.04
N ASN B 123 0.22 3.03 30.54
CA ASN B 123 0.00 3.32 31.97
C ASN B 123 -1.51 3.36 32.21
N ASP B 124 -2.02 2.33 32.89
CA ASP B 124 -3.45 2.18 33.09
C ASP B 124 -4.04 3.24 34.00
N GLU B 125 -3.26 3.65 34.99
CA GLU B 125 -3.71 4.62 35.95
C GLU B 125 -3.97 5.98 35.25
N LEU B 126 -3.13 6.31 34.27
CA LEU B 126 -3.32 7.52 33.48
C LEU B 126 -4.22 7.23 32.25
N HIS B 127 -4.82 6.04 32.20
CA HIS B 127 -5.58 5.58 31.00
C HIS B 127 -4.86 5.74 29.67
N ASP B 128 -3.60 5.32 29.59
CA ASP B 128 -2.85 5.38 28.31
C ASP B 128 -2.96 6.71 27.57
N PRO B 129 -2.35 7.78 28.12
CA PRO B 129 -2.45 9.07 27.42
C PRO B 129 -1.58 9.10 26.15
N MSE B 130 -2.00 9.89 25.15
CA MSE B 130 -1.18 10.21 23.98
C MSE B 130 0.00 11.07 24.37
O MSE B 130 -0.13 11.97 25.21
CB MSE B 130 -1.99 10.90 22.88
CG MSE B 130 -1.39 10.50 21.52
SE MSE B 130 -2.32 11.36 20.01
CE MSE B 130 -1.38 13.08 20.21
N ILE B 131 1.18 10.75 23.80
CA ILE B 131 2.42 11.52 24.00
C ILE B 131 3.11 11.87 22.69
N ASN B 132 4.02 12.84 22.72
CA ASN B 132 4.84 13.17 21.53
C ASN B 132 6.30 12.81 21.78
N TYR B 133 7.22 13.25 20.92
CA TYR B 133 8.59 12.84 21.04
C TYR B 133 9.28 13.42 22.29
N TYR B 134 8.88 14.63 22.69
CA TYR B 134 9.40 15.23 23.94
C TYR B 134 9.01 14.41 25.17
N HIS B 135 7.75 14.00 25.27
CA HIS B 135 7.34 13.14 26.40
C HIS B 135 8.08 11.84 26.36
N ALA B 136 8.30 11.29 25.14
CA ALA B 136 8.99 10.01 25.00
C ALA B 136 10.41 10.10 25.59
N LYS B 137 11.13 11.16 25.25
CA LYS B 137 12.48 11.38 25.77
C LYS B 137 12.52 11.38 27.30
N VAL B 138 11.58 12.12 27.91
CA VAL B 138 11.42 12.12 29.37
C VAL B 138 11.28 10.71 29.90
N LEU B 139 10.43 9.92 29.25
CA LEU B 139 10.26 8.51 29.59
C LEU B 139 11.48 7.64 29.20
N GLY B 140 12.55 8.28 28.73
CA GLY B 140 13.82 7.60 28.51
C GLY B 140 13.99 7.00 27.13
N ILE B 141 13.19 7.46 26.17
CA ILE B 141 13.28 6.92 24.82
C ILE B 141 13.87 7.96 23.90
N SER B 142 15.00 7.61 23.29
CA SER B 142 15.71 8.57 22.44
C SER B 142 14.94 8.86 21.17
N LEU B 143 15.22 10.00 20.56
CA LEU B 143 14.62 10.36 19.28
C LEU B 143 14.96 9.32 18.21
N ASP B 144 16.15 8.76 18.30
CA ASP B 144 16.62 7.75 17.36
C ASP B 144 15.81 6.45 17.43
N GLU B 145 15.58 5.94 18.64
CA GLU B 145 14.69 4.80 18.82
C GLU B 145 13.27 5.05 18.31
N ILE B 146 12.76 6.27 18.55
CA ILE B 146 11.39 6.62 18.20
C ILE B 146 11.23 6.53 16.70
N LYS B 147 12.23 7.02 15.98
CA LYS B 147 12.13 7.01 14.54
C LYS B 147 12.30 5.61 13.97
N LYS B 148 13.09 4.78 14.65
CA LYS B 148 13.20 3.38 14.26
C LYS B 148 11.84 2.70 14.45
N ILE B 149 11.30 2.85 15.66
CA ILE B 149 10.02 2.33 16.00
C ILE B 149 9.01 2.71 14.89
N GLU B 150 8.91 4.01 14.62
CA GLU B 150 7.91 4.52 13.70
C GLU B 150 8.08 4.01 12.28
N GLU B 151 9.34 3.88 11.85
CA GLU B 151 9.64 3.29 10.55
C GLU B 151 9.25 1.79 10.53
N ILE B 152 9.47 1.07 11.61
CA ILE B 152 9.03 -0.32 11.63
C ILE B 152 7.50 -0.38 11.57
N ALA B 153 6.84 0.43 12.43
CA ALA B 153 5.38 0.44 12.48
C ALA B 153 4.76 0.72 11.11
N LEU B 154 5.37 1.65 10.36
CA LEU B 154 4.85 2.03 9.05
C LEU B 154 5.03 0.91 8.02
N LYS B 155 6.17 0.22 8.11
CA LYS B 155 6.42 -0.98 7.36
C LYS B 155 5.40 -2.08 7.64
N VAL B 156 5.19 -2.38 8.91
CA VAL B 156 4.27 -3.40 9.34
C VAL B 156 2.87 -3.03 8.80
N ASN B 157 2.50 -1.76 8.94
CA ASN B 157 1.21 -1.31 8.43
C ASN B 157 1.02 -1.61 6.93
N GLU B 158 2.07 -1.40 6.15
CA GLU B 158 1.88 -1.51 4.72
C GLU B 158 1.69 -2.97 4.27
N ILE B 159 2.46 -3.86 4.87
CA ILE B 159 2.31 -5.30 4.68
C ILE B 159 0.96 -5.85 5.17
N LEU B 160 0.57 -5.53 6.40
CA LEU B 160 -0.71 -5.97 6.90
C LEU B 160 -1.86 -5.41 6.05
N LYS B 161 -1.82 -4.09 5.75
CA LYS B 161 -2.92 -3.43 4.99
C LYS B 161 -3.11 -4.03 3.61
N ASP B 162 -1.99 -4.30 2.92
CA ASP B 162 -2.06 -4.83 1.56
C ASP B 162 -2.51 -6.25 1.54
N TYR B 163 -1.99 -7.06 2.46
CA TYR B 163 -2.36 -8.46 2.62
C TYR B 163 -3.87 -8.58 2.87
N LEU B 164 -4.37 -7.84 3.86
CA LEU B 164 -5.77 -7.93 4.22
C LEU B 164 -6.70 -7.39 3.14
N ALA B 165 -6.24 -6.35 2.43
CA ALA B 165 -7.05 -5.71 1.40
C ALA B 165 -7.37 -6.69 0.27
N LYS B 166 -6.41 -7.52 -0.12
CA LYS B 166 -6.61 -8.54 -1.16
C LYS B 166 -7.69 -9.53 -0.79
N LYS B 167 -8.01 -9.57 0.50
CA LYS B 167 -8.98 -10.49 1.04
C LYS B 167 -10.26 -9.78 1.46
N GLY B 168 -10.46 -8.56 0.94
CA GLY B 168 -11.63 -7.75 1.29
C GLY B 168 -11.71 -7.29 2.75
N ILE B 169 -10.54 -7.10 3.38
CA ILE B 169 -10.51 -6.54 4.74
C ILE B 169 -9.72 -5.22 4.79
N ILE B 170 -10.38 -4.17 5.31
CA ILE B 170 -9.78 -2.86 5.53
C ILE B 170 -9.05 -2.86 6.89
N LEU B 171 -7.74 -2.58 6.85
CA LEU B 171 -6.99 -2.36 8.08
C LEU B 171 -7.21 -0.90 8.44
N VAL B 172 -8.09 -0.68 9.42
CA VAL B 172 -8.53 0.66 9.77
C VAL B 172 -7.47 1.33 10.66
N ASP B 173 -7.12 0.64 11.74
CA ASP B 173 -6.03 1.10 12.60
C ASP B 173 -5.58 -0.09 13.41
N PHE B 174 -4.49 0.06 14.16
CA PHE B 174 -4.00 -1.02 15.00
C PHE B 174 -2.96 -0.55 15.99
N LYS B 175 -2.74 -1.33 17.05
CA LYS B 175 -1.77 -0.99 18.08
C LYS B 175 -0.64 -2.02 18.07
N LEU B 176 0.60 -1.53 18.11
CA LEU B 176 1.73 -2.41 18.24
C LEU B 176 2.50 -2.10 19.51
N GLU B 177 3.28 -3.09 19.96
CA GLU B 177 4.22 -2.90 21.06
C GLU B 177 5.62 -3.40 20.65
N PHE B 178 6.66 -2.84 21.26
CA PHE B 178 8.03 -3.09 20.85
C PHE B 178 8.89 -3.26 22.09
N GLY B 179 9.96 -4.02 21.94
CA GLY B 179 10.95 -4.17 23.00
C GLY B 179 12.37 -4.28 22.45
N LYS B 180 13.35 -4.28 23.36
CA LYS B 180 14.75 -4.46 23.00
C LYS B 180 15.17 -5.88 23.32
N ASP B 181 15.87 -6.54 22.41
CA ASP B 181 16.43 -7.87 22.69
C ASP B 181 17.83 -7.79 23.33
N LYS B 182 18.47 -8.94 23.51
CA LYS B 182 19.82 -9.03 24.07
C LYS B 182 20.81 -8.12 23.33
N ASN B 183 20.77 -8.15 22.00
CA ASN B 183 21.67 -7.34 21.17
C ASN B 183 21.35 -5.84 21.14
N GLY B 184 20.21 -5.45 21.72
CA GLY B 184 19.75 -4.06 21.66
C GLY B 184 18.98 -3.67 20.40
N ASP B 185 18.62 -4.64 19.57
CA ASP B 185 17.74 -4.40 18.42
C ASP B 185 16.28 -4.18 18.88
N ILE B 186 15.55 -3.39 18.12
CA ILE B 186 14.14 -3.11 18.39
C ILE B 186 13.26 -4.22 17.78
N VAL B 187 12.49 -4.88 18.62
CA VAL B 187 11.75 -6.08 18.21
C VAL B 187 10.23 -5.94 18.40
N LEU B 188 9.46 -6.20 17.35
CA LEU B 188 8.00 -6.19 17.43
C LEU B 188 7.49 -7.31 18.33
N ALA B 189 6.65 -6.96 19.29
CA ALA B 189 6.25 -7.89 20.31
C ALA B 189 4.72 -7.98 20.45
N ASP B 190 4.29 -8.29 21.68
CA ASP B 190 2.88 -8.47 22.04
C ASP B 190 2.12 -9.37 21.05
N GLU B 191 0.93 -8.93 20.60
CA GLU B 191 0.07 -9.74 19.73
C GLU B 191 -0.40 -8.93 18.55
N ILE B 192 -0.86 -9.61 17.50
CA ILE B 192 -1.56 -8.92 16.42
C ILE B 192 -2.84 -9.71 16.06
N SER B 193 -3.97 -9.23 16.57
CA SER B 193 -5.22 -9.95 16.46
C SER B 193 -6.39 -8.97 16.33
N PRO B 194 -7.62 -9.47 16.13
CA PRO B 194 -8.80 -8.62 16.11
C PRO B 194 -9.07 -7.96 17.48
N ASP B 195 -8.30 -8.33 18.51
CA ASP B 195 -8.31 -7.59 19.78
C ASP B 195 -7.54 -6.25 19.72
N THR B 196 -6.56 -6.17 18.82
CA THR B 196 -5.61 -5.04 18.81
C THR B 196 -5.60 -4.27 17.50
N CYS B 197 -6.51 -4.63 16.58
CA CYS B 197 -6.67 -3.92 15.33
C CYS B 197 -8.14 -3.66 15.13
N ARG B 198 -8.45 -2.68 14.28
CA ARG B 198 -9.78 -2.52 13.68
C ARG B 198 -9.75 -3.05 12.26
N PHE B 199 -10.56 -4.09 12.03
CA PHE B 199 -10.73 -4.71 10.71
C PHE B 199 -12.17 -4.44 10.27
N TRP B 200 -12.36 -3.85 9.08
CA TRP B 200 -13.68 -3.72 8.46
C TRP B 200 -13.79 -4.50 7.18
N ASP B 201 -14.97 -5.10 6.98
CA ASP B 201 -15.30 -5.72 5.69
C ASP B 201 -15.33 -4.66 4.61
N ALA B 202 -14.60 -4.89 3.52
CA ALA B 202 -14.48 -3.91 2.43
C ALA B 202 -15.85 -3.51 1.86
N LYS B 203 -16.72 -4.49 1.61
CA LYS B 203 -18.01 -4.21 1.01
C LYS B 203 -18.94 -3.52 1.98
N THR B 204 -19.16 -4.14 3.13
CA THR B 204 -20.20 -3.66 4.06
C THR B 204 -19.69 -2.69 5.12
N LYS B 205 -18.39 -2.76 5.40
CA LYS B 205 -17.75 -1.88 6.39
C LYS B 205 -18.10 -2.26 7.83
N ARG B 206 -18.59 -3.49 8.02
CA ARG B 206 -18.89 -3.97 9.38
C ARG B 206 -17.61 -4.37 10.11
N SER B 207 -17.61 -4.25 11.44
CA SER B 207 -16.42 -4.53 12.22
C SER B 207 -16.20 -6.03 12.33
N LEU B 208 -14.95 -6.45 12.17
CA LEU B 208 -14.60 -7.85 12.31
C LEU B 208 -13.50 -7.94 13.37
N ASP B 209 -13.78 -7.37 14.55
CA ASP B 209 -12.78 -7.20 15.57
C ASP B 209 -13.48 -7.02 16.94
N LYS B 210 -12.75 -6.48 17.91
CA LYS B 210 -13.26 -6.33 19.27
C LYS B 210 -14.34 -5.23 19.41
N ASP B 211 -14.48 -4.35 18.41
CA ASP B 211 -15.55 -3.34 18.47
C ASP B 211 -16.94 -3.99 18.49
N VAL B 212 -17.02 -5.20 17.93
CA VAL B 212 -18.24 -6.00 17.97
C VAL B 212 -18.63 -6.30 19.43
N PHE B 213 -17.63 -6.56 20.29
CA PHE B 213 -17.87 -6.75 21.71
C PHE B 213 -18.06 -5.43 22.47
N ARG B 214 -17.19 -4.46 22.20
CA ARG B 214 -17.20 -3.18 22.92
C ARG B 214 -18.57 -2.51 22.85
N PHE B 215 -19.22 -2.64 21.70
CA PHE B 215 -20.43 -1.88 21.45
C PHE B 215 -21.58 -2.76 21.00
N ASP B 216 -21.48 -4.05 21.31
CA ASP B 216 -22.54 -5.04 21.01
C ASP B 216 -23.16 -4.82 19.63
N LYS B 217 -22.34 -4.89 18.60
CA LYS B 217 -22.80 -4.66 17.23
C LYS B 217 -22.99 -6.00 16.51
N GLY B 218 -22.77 -7.10 17.23
CA GLY B 218 -22.95 -8.43 16.66
C GLY B 218 -22.34 -9.57 17.47
N ASP B 219 -22.05 -10.67 16.78
CA ASP B 219 -21.48 -11.88 17.37
C ASP B 219 -19.95 -11.85 17.20
N LEU B 220 -19.22 -11.86 18.32
CA LEU B 220 -17.76 -11.78 18.29
C LEU B 220 -17.13 -13.00 17.61
N ILE B 221 -17.41 -14.19 18.12
CA ILE B 221 -16.80 -15.42 17.63
C ILE B 221 -17.03 -15.56 16.11
N GLU B 222 -18.18 -15.09 15.67
CA GLU B 222 -18.50 -14.99 14.27
C GLU B 222 -17.59 -14.09 13.43
N ALA B 223 -17.34 -12.88 13.89
CA ALA B 223 -16.46 -11.95 13.20
C ALA B 223 -15.00 -12.44 13.16
N TYR B 224 -14.51 -12.95 14.29
CA TYR B 224 -13.14 -13.44 14.37
C TYR B 224 -12.94 -14.67 13.46
N LYS B 225 -13.90 -15.59 13.48
CA LYS B 225 -13.90 -16.73 12.56
C LYS B 225 -13.89 -16.22 11.11
N GLU B 226 -14.68 -15.20 10.82
CA GLU B 226 -14.72 -14.60 9.50
C GLU B 226 -13.33 -14.14 9.04
N ILE B 227 -12.67 -13.33 9.86
CA ILE B 227 -11.27 -12.95 9.60
C ILE B 227 -10.38 -14.17 9.28
N TYR B 228 -10.36 -15.13 10.22
CA TYR B 228 -9.56 -16.36 10.10
C TYR B 228 -9.83 -17.15 8.82
N GLU B 229 -11.11 -17.38 8.51
CA GLU B 229 -11.56 -18.11 7.33
C GLU B 229 -11.09 -17.41 6.06
N ARG B 230 -11.18 -16.08 6.03
CA ARG B 230 -10.81 -15.31 4.84
C ARG B 230 -9.33 -15.39 4.59
N ILE B 231 -8.56 -15.35 5.66
CA ILE B 231 -7.10 -15.41 5.58
C ILE B 231 -6.63 -16.82 5.21
N THR B 232 -7.15 -17.82 5.90
CA THR B 232 -6.66 -19.18 5.72
C THR B 232 -7.39 -19.92 4.59
N GLY B 233 -8.58 -19.46 4.25
CA GLY B 233 -9.46 -20.19 3.31
C GLY B 233 -10.04 -21.44 3.92
N GLU B 234 -9.94 -21.59 5.24
CA GLU B 234 -10.43 -22.77 5.96
C GLU B 234 -11.16 -22.39 7.24
N LYS B 235 -12.26 -23.08 7.52
CA LYS B 235 -13.02 -22.91 8.75
C LYS B 235 -12.14 -23.23 9.96
N PRO B 236 -12.36 -22.54 11.09
CA PRO B 236 -11.46 -22.66 12.25
C PRO B 236 -11.51 -24.02 12.95
N GLU B 237 -10.33 -24.63 13.09
CA GLU B 237 -10.17 -25.98 13.66
C GLU B 237 -10.25 -25.99 15.17
CD CD C . 0.27 -0.62 -0.10
CD CD D . 10.27 6.82 -24.70
CD CD D . 11.22 7.46 -25.89
CD CD E . 14.87 1.56 -29.38
CD CD E . 14.49 3.10 -29.92
CD CD F . 11.55 3.52 -21.87
CD CD F . 11.82 2.65 -21.07
CD CD G . 4.90 9.00 -25.00
CD CD G . 3.31 9.72 -23.59
CD CD H . 5.56 5.95 -25.17
P AMP I . 10.79 -2.01 -19.69
O1P AMP I . 11.93 -1.11 -19.26
O2P AMP I . 10.81 -3.40 -19.09
O3P AMP I . 10.49 -2.11 -21.16
O5' AMP I . 9.48 -1.18 -19.18
C5' AMP I . 9.07 -0.92 -17.82
C4' AMP I . 7.68 -0.27 -17.75
O4' AMP I . 7.72 1.07 -18.21
C3' AMP I . 6.58 -0.93 -18.59
O3' AMP I . 5.34 -0.77 -17.89
C2' AMP I . 6.47 -0.09 -19.84
O2' AMP I . 5.16 -0.12 -20.43
C1' AMP I . 6.84 1.28 -19.32
N9 AMP I . 7.55 2.08 -20.34
C8 AMP I . 8.88 2.19 -20.48
N7 AMP I . 9.18 3.01 -21.51
C5 AMP I . 8.03 3.43 -22.06
C6 AMP I . 7.64 4.31 -23.19
N6 AMP I . 8.58 4.91 -23.97
N1 AMP I . 6.31 4.48 -23.40
C2 AMP I . 5.37 3.90 -22.64
N3 AMP I . 5.66 3.08 -21.61
C4 AMP I . 6.95 2.82 -21.28
PB ADP J . 5.83 10.71 -27.85
O1B ADP J . 6.41 10.02 -26.63
O2B ADP J . 6.32 10.15 -29.17
O3B ADP J . 5.81 12.20 -27.70
PA ADP J . 2.99 10.82 -27.16
O1A ADP J . 1.85 10.57 -28.11
O2A ADP J . 2.99 10.16 -25.80
O3A ADP J . 4.27 10.28 -27.98
O5' ADP J . 3.16 12.41 -26.99
C5' ADP J . 2.99 13.10 -25.75
C4' ADP J . 4.12 14.12 -25.62
O4' ADP J . 3.70 15.29 -24.90
C3' ADP J . 5.27 13.55 -24.83
O3' ADP J . 6.45 14.16 -25.36
C2' ADP J . 5.07 14.07 -23.43
O2' ADP J . 6.29 14.21 -22.70
C1' ADP J . 4.45 15.42 -23.69
N9 ADP J . 3.55 15.81 -22.59
C8 ADP J . 2.73 14.99 -21.91
N7 ADP J . 2.05 15.69 -20.99
C5 ADP J . 2.42 16.98 -21.08
C6 ADP J . 2.12 18.26 -20.41
N6 ADP J . 1.23 18.32 -19.42
N1 ADP J . 2.77 19.38 -20.82
C2 ADP J . 3.68 19.37 -21.81
N3 ADP J . 4.01 18.23 -22.47
C4 ADP J . 3.44 17.04 -22.15
CD CD K . -5.90 5.36 -0.54
CD CD K . -7.44 5.03 -1.45
CD CD L . 4.40 -8.89 0.43
CD CD L . 4.16 -10.38 0.00
CD CD M . -2.99 0.18 28.69
CD CD N . -8.88 3.42 31.26
CD CD O . 16.32 -11.15 19.01
CD CD P . -0.25 6.68 40.78
CD CD Q . -17.45 -15.29 4.97
CD CD R . -4.88 2.91 23.72
CD CD S . -2.33 -5.81 26.30
CD CD S . -1.12 -7.12 25.07
CD CD T . -4.88 -4.29 25.66
P AMP U . -8.12 4.02 19.76
O1P AMP U . -8.60 3.47 21.07
O2P AMP U . -7.08 5.12 19.92
O3P AMP U . -9.18 4.37 18.75
O5' AMP U . -7.33 2.74 19.15
C5' AMP U . -6.72 2.66 17.86
C4' AMP U . -6.37 1.20 17.51
O4' AMP U . -5.35 0.69 18.37
C3' AMP U . -7.55 0.25 17.63
O3' AMP U . -7.54 -0.71 16.56
C2' AMP U . -7.34 -0.47 18.95
O2' AMP U . -7.73 -1.84 18.86
C1' AMP U . -5.83 -0.40 19.15
N9 AMP U . -5.55 -0.19 20.59
C8 AMP U . -5.30 1.01 21.17
N7 AMP U . -5.11 0.84 22.50
C5 AMP U . -5.23 -0.45 22.81
C6 AMP U . -5.12 -1.29 24.06
N6 AMP U . -4.86 -0.75 25.27
N1 AMP U . -5.32 -2.63 23.91
C2 AMP U . -5.60 -3.19 22.71
N3 AMP U . -5.71 -2.49 21.55
C4 AMP U . -5.54 -1.14 21.54
PB ADP V . -2.17 -5.72 29.55
O1B ADP V . -1.49 -5.04 28.37
O2B ADP V . -3.50 -5.13 29.92
O3B ADP V . -1.23 -6.06 30.67
PA ADP V . -1.78 -8.31 28.48
O1A ADP V . -2.13 -9.50 29.37
O2A ADP V . -1.89 -8.38 26.98
O3A ADP V . -2.71 -7.11 28.99
O5' ADP V . -0.27 -7.92 28.81
C5' ADP V . 0.79 -8.79 28.41
C4' ADP V . 2.08 -8.10 28.86
O4' ADP V . 3.25 -8.66 28.26
C3' ADP V . 2.05 -6.65 28.40
O3' ADP V . 2.58 -5.84 29.46
C2' ADP V . 2.99 -6.62 27.23
O2' ADP V . 3.48 -5.30 27.10
C1' ADP V . 4.04 -7.63 27.66
N9 ADP V . 4.84 -8.27 26.58
C8 ADP V . 4.38 -8.58 25.37
N7 ADP V . 5.33 -9.17 24.63
C5 ADP V . 6.44 -9.26 25.36
C6 ADP V . 7.81 -9.79 25.17
N6 ADP V . 8.21 -10.34 24.01
N1 ADP V . 8.67 -9.67 26.19
C2 ADP V . 8.32 -9.10 27.35
N3 ADP V . 7.09 -8.62 27.60
C4 ADP V . 6.11 -8.66 26.66
#